data_3TMH
#
_entry.id   3TMH
#
_cell.length_a   121.472
_cell.length_b   121.472
_cell.length_c   88.282
_cell.angle_alpha   90.00
_cell.angle_beta   90.00
_cell.angle_gamma   120.00
#
_symmetry.space_group_name_H-M   'P 32 2 1'
#
loop_
_entity.id
_entity.type
_entity.pdbx_description
1 polymer 'Na(+)/H(+) exchange regulatory cofactor NHE-RF3'
2 polymer 'cAMP-dependent protein kinase type II-alpha regulatory subunit'
3 polymer 'A-kinase anchor protein 10, mitochondrial'
4 water water
#
loop_
_entity_poly.entity_id
_entity_poly.type
_entity_poly.pdbx_seq_one_letter_code
_entity_poly.pdbx_strand_id
1 'polypeptide(L)'
;GSKPKLCRLAKGENGYGFHLNAIRGLPGSFIKEVQKGGPADLAGLEDEDVIIEVNGVNVLDEPYEKVVDRIQSSGKNVTL
LVCGKKA
;
A,E,I
2 'polypeptide(L)' GSHMGHIQIPPGLTELLQGYTVEVLRQQPPDLVDFAVEYFTRLREARR B,C,F,G
3 'polypeptide(L)' GSPEFVQGNTDEAQEELAWKIAKMIVSDVMQQAQYDQPLEKSTKL D,H,L
#
# COMPACT_ATOMS: atom_id res chain seq x y z
N LYS A 3 16.74 -20.61 11.88
CA LYS A 3 17.22 -21.48 12.98
C LYS A 3 17.21 -20.86 14.40
N PRO A 4 16.09 -21.01 15.17
CA PRO A 4 15.69 -20.29 16.40
C PRO A 4 16.53 -20.55 17.66
N LYS A 5 16.75 -19.51 18.46
CA LYS A 5 17.50 -19.65 19.70
C LYS A 5 16.62 -19.10 20.82
N LEU A 6 16.48 -19.86 21.89
CA LEU A 6 15.90 -19.30 23.09
C LEU A 6 17.01 -19.27 24.07
N CYS A 7 17.39 -18.08 24.48
CA CYS A 7 18.50 -17.99 25.41
C CYS A 7 18.29 -16.84 26.35
N ARG A 8 18.60 -17.06 27.61
CA ARG A 8 18.42 -16.04 28.64
C ARG A 8 19.76 -15.36 28.88
N LEU A 9 19.69 -14.05 29.12
CA LEU A 9 20.87 -13.24 29.41
C LEU A 9 20.85 -12.73 30.86
N ALA A 10 22.05 -12.62 31.43
CA ALA A 10 22.24 -12.05 32.74
C ALA A 10 23.19 -10.85 32.68
N LYS A 11 22.64 -9.69 33.04
CA LYS A 11 23.26 -8.39 32.80
C LYS A 11 24.70 -8.28 33.34
N GLY A 12 25.65 -8.00 32.46
CA GLY A 12 27.04 -8.06 32.85
C GLY A 12 27.55 -6.73 33.33
N GLU A 13 28.87 -6.64 33.45
CA GLU A 13 29.50 -5.38 33.75
C GLU A 13 29.06 -4.28 32.78
N ASN A 14 29.07 -4.57 31.48
CA ASN A 14 28.47 -3.61 30.56
C ASN A 14 27.27 -4.20 29.90
N GLY A 15 26.14 -3.99 30.55
CA GLY A 15 24.87 -4.39 30.00
C GLY A 15 24.94 -5.83 29.61
N TYR A 16 24.00 -6.21 28.77
CA TYR A 16 23.99 -7.55 28.26
C TYR A 16 25.01 -7.59 27.16
N GLY A 17 25.61 -6.44 26.88
CA GLY A 17 26.68 -6.44 25.92
C GLY A 17 26.17 -6.78 24.55
N PHE A 18 25.27 -5.96 24.05
CA PHE A 18 24.96 -6.01 22.63
C PHE A 18 24.22 -4.76 22.25
N HIS A 19 23.79 -4.70 21.00
CA HIS A 19 23.01 -3.57 20.56
C HIS A 19 21.76 -4.00 19.89
N LEU A 20 20.67 -3.34 20.23
CA LEU A 20 19.46 -3.47 19.49
C LEU A 20 19.52 -2.54 18.30
N ASN A 21 18.92 -2.93 17.23
CA ASN A 21 18.99 -2.06 16.12
C ASN A 21 17.69 -2.25 15.38
N ALA A 22 17.17 -1.17 14.83
CA ALA A 22 15.96 -1.28 14.02
C ALA A 22 16.19 -0.46 12.81
N ILE A 23 15.36 -0.65 11.81
CA ILE A 23 15.50 0.17 10.63
C ILE A 23 14.30 1.09 10.45
N ARG A 24 14.52 2.17 9.72
CA ARG A 24 13.63 3.29 9.82
C ARG A 24 12.48 3.00 8.89
N GLY A 25 11.34 2.61 9.44
CA GLY A 25 10.17 2.34 8.63
C GLY A 25 9.83 0.89 8.33
N LEU A 26 10.81 -0.01 8.51
CA LEU A 26 10.64 -1.46 8.72
C LEU A 26 10.24 -1.86 10.11
N PRO A 27 9.30 -2.79 10.19
CA PRO A 27 8.95 -3.31 11.50
C PRO A 27 10.07 -4.23 11.83
N GLY A 28 10.06 -4.77 13.05
CA GLY A 28 11.06 -5.70 13.52
C GLY A 28 12.24 -4.97 14.13
N SER A 29 12.90 -5.68 15.05
CA SER A 29 14.07 -5.20 15.81
C SER A 29 15.10 -6.30 15.84
N PHE A 30 16.38 -5.98 15.68
CA PHE A 30 17.36 -7.04 15.53
C PHE A 30 18.70 -6.77 16.15
N ILE A 31 19.42 -7.83 16.48
CA ILE A 31 20.69 -7.70 17.16
C ILE A 31 21.75 -7.21 16.24
N LYS A 32 22.55 -6.23 16.64
CA LYS A 32 23.57 -5.71 15.74
C LYS A 32 25.00 -6.02 16.11
N GLU A 33 25.40 -5.51 17.26
CA GLU A 33 26.77 -5.67 17.72
C GLU A 33 26.87 -6.52 18.97
N VAL A 34 27.44 -7.73 18.84
CA VAL A 34 27.56 -8.64 19.98
C VAL A 34 28.95 -8.58 20.63
N GLN A 35 29.05 -8.18 21.89
CA GLN A 35 30.38 -8.03 22.48
C GLN A 35 30.96 -9.41 22.61
N LYS A 36 32.13 -9.67 21.99
CA LYS A 36 32.73 -11.01 22.06
C LYS A 36 33.02 -11.21 23.50
N GLY A 37 32.63 -12.38 24.01
CA GLY A 37 32.85 -12.72 25.40
C GLY A 37 31.73 -12.16 26.24
N GLY A 38 30.99 -11.21 25.69
CA GLY A 38 29.90 -10.61 26.43
C GLY A 38 28.77 -11.60 26.60
N PRO A 39 27.80 -11.24 27.43
CA PRO A 39 26.66 -12.10 27.69
C PRO A 39 25.92 -12.48 26.42
N ALA A 40 25.58 -11.53 25.58
CA ALA A 40 24.82 -11.92 24.40
C ALA A 40 25.58 -13.00 23.65
N ASP A 41 26.90 -12.84 23.56
CA ASP A 41 27.71 -13.73 22.75
C ASP A 41 27.74 -15.14 23.26
N LEU A 42 27.91 -15.29 24.56
CA LEU A 42 28.05 -16.60 25.17
C LEU A 42 26.72 -17.35 25.14
N ALA A 43 25.62 -16.62 25.09
CA ALA A 43 24.32 -17.25 25.03
C ALA A 43 24.00 -17.57 23.57
N GLY A 44 24.94 -17.29 22.69
CA GLY A 44 24.87 -17.76 21.32
C GLY A 44 24.43 -16.77 20.26
N LEU A 45 24.04 -15.58 20.69
CA LEU A 45 23.46 -14.63 19.77
C LEU A 45 24.45 -14.23 18.73
N GLU A 46 23.95 -13.79 17.58
CA GLU A 46 24.83 -13.43 16.51
C GLU A 46 24.26 -12.22 15.85
N ASP A 47 25.06 -11.47 15.13
CA ASP A 47 24.54 -10.30 14.46
C ASP A 47 23.30 -10.62 13.62
N GLU A 48 22.34 -9.73 13.69
CA GLU A 48 21.25 -9.79 12.76
C GLU A 48 20.26 -10.86 13.09
N ASP A 49 20.49 -11.60 14.16
CA ASP A 49 19.41 -12.42 14.70
C ASP A 49 18.19 -11.53 14.95
N VAL A 50 17.04 -11.95 14.46
CA VAL A 50 15.83 -11.14 14.57
C VAL A 50 15.08 -11.50 15.80
N ILE A 51 14.66 -10.50 16.54
CA ILE A 51 14.03 -10.73 17.81
C ILE A 51 12.54 -11.00 17.68
N ILE A 52 12.07 -12.00 18.42
CA ILE A 52 10.68 -12.46 18.43
C ILE A 52 10.07 -12.27 19.80
N GLU A 53 10.64 -12.90 20.81
CA GLU A 53 10.03 -12.76 22.13
C GLU A 53 10.97 -12.19 23.16
N VAL A 54 10.48 -11.20 23.89
CA VAL A 54 11.18 -10.72 25.07
C VAL A 54 10.46 -11.12 26.34
N ASN A 55 11.12 -11.91 27.17
CA ASN A 55 10.50 -12.42 28.38
C ASN A 55 9.17 -13.08 28.00
N GLY A 56 9.19 -13.81 26.89
CA GLY A 56 8.00 -14.56 26.50
C GLY A 56 6.91 -13.75 25.84
N VAL A 57 7.22 -12.52 25.48
CA VAL A 57 6.25 -11.70 24.80
C VAL A 57 6.64 -11.42 23.35
N ASN A 58 5.63 -11.32 22.50
CA ASN A 58 5.90 -11.22 21.09
C ASN A 58 6.00 -9.76 20.72
N VAL A 59 7.21 -9.31 20.43
CA VAL A 59 7.45 -7.91 20.02
C VAL A 59 7.53 -7.68 18.52
N LEU A 60 7.17 -8.65 17.71
CA LEU A 60 7.26 -8.45 16.28
C LEU A 60 6.51 -7.18 15.82
N ASP A 61 5.31 -6.98 16.33
CA ASP A 61 4.46 -5.89 15.92
C ASP A 61 4.66 -4.65 16.78
N GLU A 62 5.71 -4.60 17.59
CA GLU A 62 5.88 -3.49 18.52
C GLU A 62 7.00 -2.59 18.10
N PRO A 63 6.91 -1.32 18.47
CA PRO A 63 7.85 -0.26 18.08
C PRO A 63 9.19 -0.50 18.68
N TYR A 64 10.24 -0.27 17.90
CA TYR A 64 11.58 -0.51 18.36
C TYR A 64 11.68 0.05 19.76
N GLU A 65 11.05 1.21 19.99
CA GLU A 65 11.19 1.90 21.26
C GLU A 65 10.61 1.09 22.38
N LYS A 66 9.42 0.50 22.13
CA LYS A 66 8.71 -0.33 23.13
C LYS A 66 9.46 -1.58 23.47
N VAL A 67 10.19 -2.05 22.48
CA VAL A 67 10.98 -3.26 22.64
C VAL A 67 12.22 -3.02 23.45
N VAL A 68 13.00 -2.02 23.06
CA VAL A 68 14.15 -1.64 23.84
C VAL A 68 13.72 -1.41 25.28
N ASP A 69 12.66 -0.65 25.46
CA ASP A 69 12.17 -0.43 26.81
C ASP A 69 11.86 -1.77 27.53
N ARG A 70 11.08 -2.64 26.89
CA ARG A 70 10.75 -3.94 27.45
C ARG A 70 11.97 -4.66 27.98
N ILE A 71 13.05 -4.65 27.18
CA ILE A 71 14.32 -5.31 27.54
C ILE A 71 15.00 -4.73 28.75
N GLN A 72 15.02 -3.40 28.87
CA GLN A 72 15.71 -2.80 30.03
C GLN A 72 14.90 -3.00 31.29
N SER A 73 13.59 -2.91 31.14
CA SER A 73 12.68 -3.10 32.24
C SER A 73 12.89 -4.41 32.99
N SER A 74 13.36 -5.47 32.33
CA SER A 74 13.73 -6.68 33.08
C SER A 74 15.11 -6.45 33.70
N GLY A 75 15.19 -6.64 35.01
CA GLY A 75 16.34 -6.10 35.70
C GLY A 75 17.71 -6.74 35.64
N LYS A 76 17.84 -7.89 36.27
CA LYS A 76 19.13 -8.54 36.31
C LYS A 76 19.23 -9.34 35.02
N ASN A 77 18.08 -9.83 34.58
CA ASN A 77 18.05 -10.74 33.47
C ASN A 77 17.03 -10.34 32.45
N VAL A 78 17.18 -10.86 31.25
CA VAL A 78 16.11 -10.79 30.28
C VAL A 78 16.25 -11.98 29.38
N THR A 79 15.15 -12.60 28.99
CA THR A 79 15.25 -13.81 28.20
C THR A 79 14.72 -13.64 26.81
N LEU A 80 15.52 -13.98 25.82
CA LEU A 80 15.14 -13.69 24.45
C LEU A 80 14.95 -14.91 23.58
N LEU A 81 13.97 -14.80 22.70
CA LEU A 81 13.77 -15.72 21.61
C LEU A 81 14.03 -15.01 20.31
N VAL A 82 15.05 -15.46 19.56
CA VAL A 82 15.37 -14.84 18.29
C VAL A 82 15.47 -15.89 17.18
N CYS A 83 15.67 -15.46 15.95
CA CYS A 83 15.77 -16.37 14.81
C CYS A 83 16.93 -16.01 13.89
N GLY A 84 17.87 -16.93 13.68
CA GLY A 84 19.02 -16.63 12.84
C GLY A 84 19.68 -17.81 12.13
N GLY B 12 1.62 20.92 13.98
CA GLY B 12 1.30 22.31 13.76
C GLY B 12 2.44 23.13 13.19
N LEU B 13 3.45 22.44 12.66
CA LEU B 13 4.62 23.08 12.03
C LEU B 13 4.30 23.66 10.64
N THR B 14 3.62 22.87 9.82
CA THR B 14 3.27 23.26 8.46
C THR B 14 2.49 24.57 8.44
N GLU B 15 1.62 24.75 9.43
CA GLU B 15 0.83 25.96 9.54
C GLU B 15 1.76 27.15 9.80
N LEU B 16 2.75 26.95 10.66
CA LEU B 16 3.68 28.01 11.01
C LEU B 16 4.49 28.44 9.80
N LEU B 17 5.18 27.48 9.20
CA LEU B 17 6.00 27.79 8.03
C LEU B 17 5.13 28.39 6.94
N GLN B 18 3.93 27.89 6.82
CA GLN B 18 3.01 28.41 5.82
C GLN B 18 2.74 29.91 6.04
N GLY B 19 2.34 30.27 7.26
CA GLY B 19 2.08 31.66 7.59
C GLY B 19 3.27 32.53 7.22
N TYR B 20 4.44 32.13 7.72
CA TYR B 20 5.65 32.86 7.43
C TYR B 20 5.86 33.01 5.94
N THR B 21 5.78 31.89 5.22
CA THR B 21 6.13 31.85 3.80
C THR B 21 5.21 32.73 2.98
N VAL B 22 3.92 32.59 3.21
CA VAL B 22 2.96 33.40 2.52
C VAL B 22 3.23 34.88 2.81
N GLU B 23 3.75 35.17 4.01
CA GLU B 23 4.16 36.53 4.31
C GLU B 23 5.42 36.97 3.58
N VAL B 24 6.28 36.01 3.24
CA VAL B 24 7.43 36.32 2.38
C VAL B 24 7.03 36.61 0.95
N LEU B 25 6.00 35.92 0.47
CA LEU B 25 5.58 36.11 -0.90
C LEU B 25 4.87 37.44 -1.11
N ARG B 26 4.22 37.92 -0.05
CA ARG B 26 3.55 39.22 -0.10
C ARG B 26 4.48 40.40 0.14
N GLN B 27 5.75 40.14 0.44
CA GLN B 27 6.71 41.20 0.74
C GLN B 27 8.00 41.09 -0.04
N GLN B 28 8.72 39.99 0.18
CA GLN B 28 10.01 39.76 -0.43
C GLN B 28 11.02 40.81 -0.01
N PRO B 29 11.22 40.95 1.31
CA PRO B 29 12.25 41.87 1.75
C PRO B 29 13.63 41.40 1.28
N PRO B 30 14.48 42.33 0.83
CA PRO B 30 15.85 41.96 0.41
C PRO B 30 16.58 41.30 1.57
N ASP B 31 15.99 41.38 2.75
CA ASP B 31 16.53 40.75 3.95
C ASP B 31 15.54 39.78 4.56
N LEU B 32 16.02 38.58 4.89
CA LEU B 32 15.18 37.48 5.32
C LEU B 32 15.33 37.13 6.80
N VAL B 33 16.55 36.78 7.21
CA VAL B 33 16.81 36.39 8.59
C VAL B 33 16.38 37.46 9.57
N ASP B 34 16.71 38.71 9.29
CA ASP B 34 16.18 39.78 10.09
C ASP B 34 14.67 39.64 10.08
N PHE B 35 14.10 39.49 8.89
CA PHE B 35 12.66 39.42 8.74
C PHE B 35 12.04 38.26 9.49
N ALA B 36 12.69 37.10 9.44
CA ALA B 36 12.21 35.92 10.16
C ALA B 36 12.22 36.18 11.65
N VAL B 37 13.36 36.61 12.15
CA VAL B 37 13.51 36.94 13.56
C VAL B 37 12.38 37.83 14.00
N GLU B 38 12.29 38.97 13.34
CA GLU B 38 11.32 40.00 13.65
C GLU B 38 9.90 39.47 13.57
N TYR B 39 9.64 38.64 12.56
CA TYR B 39 8.31 38.11 12.32
C TYR B 39 7.84 37.15 13.39
N PHE B 40 8.75 36.30 13.86
CA PHE B 40 8.40 35.37 14.93
C PHE B 40 8.37 36.06 16.27
N THR B 41 9.17 37.12 16.42
CA THR B 41 9.12 37.96 17.61
C THR B 41 7.73 38.59 17.69
N ARG B 42 7.30 39.15 16.57
CA ARG B 42 5.93 39.63 16.42
C ARG B 42 4.93 38.53 16.80
N LEU B 43 5.23 37.30 16.37
CA LEU B 43 4.41 36.13 16.74
C LEU B 43 4.27 35.90 18.24
N ARG B 44 5.36 35.46 18.88
CA ARG B 44 5.30 35.15 20.31
C ARG B 44 4.67 36.28 21.08
N GLU B 45 5.19 37.49 20.88
CA GLU B 45 4.64 38.62 21.61
C GLU B 45 3.13 38.72 21.36
N ALA B 46 2.68 38.36 20.16
CA ALA B 46 1.25 38.27 19.93
C ALA B 46 0.64 37.25 20.90
N ARG B 47 1.11 36.00 20.82
CA ARG B 47 0.60 34.90 21.66
C ARG B 47 0.49 35.27 23.14
N ILE C 7 5.19 37.56 -8.18
CA ILE C 7 5.35 36.87 -6.90
C ILE C 7 6.67 36.06 -6.86
N GLN C 8 7.66 36.57 -6.14
CA GLN C 8 9.04 36.10 -6.33
C GLN C 8 9.32 35.07 -5.28
N ILE C 9 9.82 33.93 -5.73
CA ILE C 9 10.41 32.99 -4.80
C ILE C 9 11.85 33.45 -4.77
N PRO C 10 12.25 34.12 -3.67
CA PRO C 10 13.64 34.58 -3.43
C PRO C 10 14.64 33.45 -3.07
N PRO C 11 15.94 33.80 -3.11
CA PRO C 11 17.10 32.90 -3.13
C PRO C 11 17.45 32.18 -1.84
N GLY C 12 16.92 31.00 -1.55
CA GLY C 12 17.43 30.40 -0.33
C GLY C 12 16.52 30.32 0.87
N LEU C 13 15.21 30.33 0.59
CA LEU C 13 14.16 30.10 1.58
C LEU C 13 14.14 28.68 2.17
N THR C 14 14.15 27.71 1.26
CA THR C 14 14.06 26.31 1.63
C THR C 14 15.16 25.93 2.59
N GLU C 15 16.34 26.50 2.37
CA GLU C 15 17.46 26.24 3.24
C GLU C 15 17.18 26.76 4.66
N LEU C 16 16.58 27.96 4.73
CA LEU C 16 16.25 28.57 6.01
C LEU C 16 15.24 27.72 6.81
N LEU C 17 14.10 27.48 6.18
CA LEU C 17 13.06 26.70 6.83
C LEU C 17 13.64 25.35 7.23
N GLN C 18 14.47 24.79 6.36
CA GLN C 18 15.07 23.50 6.59
C GLN C 18 15.87 23.52 7.89
N GLY C 19 16.80 24.47 8.00
CA GLY C 19 17.58 24.57 9.22
C GLY C 19 16.69 24.62 10.43
N TYR C 20 15.70 25.52 10.38
CA TYR C 20 14.82 25.69 11.53
C TYR C 20 14.09 24.41 11.89
N THR C 21 13.47 23.80 10.88
CA THR C 21 12.68 22.60 11.06
C THR C 21 13.48 21.46 11.65
N VAL C 22 14.63 21.18 11.05
CA VAL C 22 15.51 20.13 11.54
C VAL C 22 15.88 20.42 12.99
N GLU C 23 15.98 21.70 13.33
CA GLU C 23 16.17 22.05 14.74
C GLU C 23 14.95 21.79 15.61
N VAL C 24 13.76 21.89 15.03
CA VAL C 24 12.56 21.56 15.79
C VAL C 24 12.49 20.07 16.07
N LEU C 25 12.94 19.26 15.11
CA LEU C 25 12.85 17.81 15.24
C LEU C 25 13.85 17.27 16.26
N ARG C 26 14.97 17.96 16.41
CA ARG C 26 15.98 17.59 17.40
C ARG C 26 15.67 18.08 18.82
N GLN C 27 14.59 18.84 18.96
CA GLN C 27 14.25 19.42 20.26
C GLN C 27 12.79 19.21 20.66
N GLN C 28 11.89 19.74 19.83
CA GLN C 28 10.45 19.69 20.08
C GLN C 28 10.10 20.40 21.38
N PRO C 29 10.47 21.69 21.47
CA PRO C 29 10.06 22.44 22.66
C PRO C 29 8.55 22.56 22.67
N PRO C 30 7.94 22.43 23.86
CA PRO C 30 6.50 22.58 24.01
C PRO C 30 6.07 23.98 23.53
N ASP C 31 7.06 24.84 23.32
CA ASP C 31 6.82 26.19 22.82
C ASP C 31 7.58 26.42 21.52
N LEU C 32 6.88 26.98 20.54
CA LEU C 32 7.42 27.11 19.19
C LEU C 32 7.70 28.55 18.80
N VAL C 33 6.69 29.40 18.84
CA VAL C 33 6.85 30.79 18.46
C VAL C 33 7.97 31.47 19.25
N ASP C 34 7.98 31.26 20.56
CA ASP C 34 9.12 31.75 21.34
C ASP C 34 10.36 31.16 20.72
N PHE C 35 10.35 29.86 20.47
CA PHE C 35 11.51 29.18 19.93
C PHE C 35 11.93 29.70 18.57
N ALA C 36 10.96 29.98 17.71
CA ALA C 36 11.28 30.50 16.40
C ALA C 36 11.95 31.85 16.55
N VAL C 37 11.28 32.73 17.27
CA VAL C 37 11.79 34.08 17.50
C VAL C 37 13.22 33.97 17.92
N GLU C 38 13.41 33.29 19.03
CA GLU C 38 14.71 33.14 19.65
C GLU C 38 15.72 32.58 18.68
N TYR C 39 15.26 31.65 17.86
CA TYR C 39 16.16 30.92 16.97
C TYR C 39 16.65 31.79 15.83
N PHE C 40 15.78 32.61 15.30
CA PHE C 40 16.17 33.51 14.24
C PHE C 40 16.93 34.71 14.78
N THR C 41 16.66 35.06 16.03
CA THR C 41 17.43 36.11 16.68
C THR C 41 18.84 35.58 16.80
N ARG C 42 18.96 34.34 17.25
CA ARG C 42 20.24 33.65 17.29
C ARG C 42 20.88 33.69 15.90
N LEU C 43 20.06 33.52 14.87
CA LEU C 43 20.54 33.62 13.48
C LEU C 43 21.16 34.96 13.11
N ARG C 44 20.32 36.00 13.02
CA ARG C 44 20.79 37.31 12.60
C ARG C 44 22.02 37.69 13.38
N GLU C 45 21.92 37.66 14.71
CA GLU C 45 23.04 38.02 15.53
C GLU C 45 24.25 37.14 15.20
N ALA D 18 1.52 33.30 -1.46
CA ALA D 18 0.81 33.00 -2.70
C ALA D 18 0.27 31.57 -2.67
N TRP D 19 0.26 31.02 -1.47
CA TRP D 19 -0.49 29.80 -1.17
C TRP D 19 -0.08 28.45 -1.75
N LYS D 20 -0.83 27.96 -2.74
CA LYS D 20 -0.70 26.58 -3.18
C LYS D 20 0.78 26.27 -3.22
N ILE D 21 1.48 27.15 -3.90
CA ILE D 21 2.92 27.16 -3.89
C ILE D 21 3.49 27.05 -2.47
N ALA D 22 3.14 28.03 -1.62
CA ALA D 22 3.71 28.11 -0.28
C ALA D 22 3.71 26.72 0.36
N LYS D 23 2.58 26.05 0.28
CA LYS D 23 2.46 24.70 0.78
C LYS D 23 3.46 23.80 0.08
N MET D 24 3.47 23.84 -1.24
CA MET D 24 4.36 22.97 -2.01
C MET D 24 5.71 22.98 -1.33
N ILE D 25 6.24 24.20 -1.27
CA ILE D 25 7.47 24.47 -0.57
C ILE D 25 7.51 23.78 0.79
N VAL D 26 6.62 24.15 1.69
CA VAL D 26 6.73 23.63 3.04
C VAL D 26 6.82 22.10 3.08
N SER D 27 5.85 21.43 2.48
CA SER D 27 5.85 19.97 2.50
C SER D 27 7.16 19.37 1.96
N ASP D 28 7.58 19.87 0.77
CA ASP D 28 8.85 19.45 0.16
C ASP D 28 10.07 19.62 1.11
N VAL D 29 10.13 20.78 1.76
CA VAL D 29 11.01 20.97 2.91
C VAL D 29 10.94 19.75 3.82
N MET D 30 9.75 19.50 4.38
CA MET D 30 9.56 18.42 5.31
C MET D 30 10.25 17.12 4.88
N GLN D 31 9.80 16.53 3.76
CA GLN D 31 10.41 15.27 3.35
C GLN D 31 11.94 15.41 3.16
N GLN D 32 12.39 16.59 2.72
CA GLN D 32 13.82 16.82 2.62
C GLN D 32 14.49 16.67 3.97
N ALA D 33 13.79 17.05 5.03
CA ALA D 33 14.36 16.98 6.36
C ALA D 33 14.40 15.55 6.90
N GLN D 34 13.28 14.85 6.82
CA GLN D 34 13.25 13.51 7.41
C GLN D 34 14.33 12.61 6.80
N TYR D 35 14.54 12.79 5.49
CA TYR D 35 15.44 11.94 4.71
C TYR D 35 16.89 12.37 4.95
N ASP D 36 17.03 13.37 5.82
CA ASP D 36 18.32 13.88 6.22
C ASP D 36 18.84 13.05 7.36
N GLN D 37 18.26 11.87 7.50
CA GLN D 37 18.70 10.90 8.49
C GLN D 37 18.02 11.25 9.80
N PRO D 38 18.15 10.34 10.80
CA PRO D 38 19.02 9.17 10.76
C PRO D 38 18.44 8.03 9.96
N LEU D 39 19.30 7.15 9.45
CA LEU D 39 18.85 6.00 8.68
C LEU D 39 18.68 4.67 9.46
N GLU D 40 19.09 4.62 10.72
CA GLU D 40 19.00 3.39 11.52
C GLU D 40 18.95 3.70 13.02
N LYS D 41 18.58 2.75 13.85
CA LYS D 41 18.58 3.00 15.29
C LYS D 41 19.23 1.88 16.10
N SER D 42 20.34 2.17 16.76
CA SER D 42 20.99 1.19 17.61
C SER D 42 21.10 1.77 18.98
N THR D 43 20.75 0.97 19.98
CA THR D 43 20.89 1.37 21.39
C THR D 43 21.68 0.30 22.13
N LYS D 44 22.83 0.66 22.72
CA LYS D 44 23.65 -0.30 23.47
C LYS D 44 22.80 -0.84 24.57
N LEU D 45 22.78 -2.15 24.69
CA LEU D 45 22.01 -2.78 25.77
C LEU D 45 22.89 -3.69 26.58
N LYS E 3 21.78 -3.56 6.25
CA LYS E 3 22.41 -2.44 5.57
C LYS E 3 21.40 -1.61 4.85
N PRO E 4 20.76 -0.63 5.53
CA PRO E 4 19.87 0.30 4.84
C PRO E 4 20.62 1.34 4.02
N LYS E 5 20.10 1.67 2.84
CA LYS E 5 20.69 2.69 1.97
C LYS E 5 19.63 3.73 1.68
N LEU E 6 19.93 4.99 1.90
CA LEU E 6 19.04 6.00 1.37
C LEU E 6 19.82 6.65 0.31
N CYS E 7 19.31 6.58 -0.91
CA CYS E 7 20.03 7.15 -2.02
C CYS E 7 19.06 7.71 -3.04
N ARG E 8 19.41 8.86 -3.61
CA ARG E 8 18.58 9.50 -4.60
C ARG E 8 19.12 9.20 -6.00
N LEU E 9 18.21 8.96 -6.95
CA LEU E 9 18.55 8.69 -8.35
C LEU E 9 18.11 9.80 -9.28
N ALA E 10 18.92 10.04 -10.29
CA ALA E 10 18.59 10.99 -11.31
C ALA E 10 18.53 10.32 -12.67
N LYS E 11 17.35 10.37 -13.26
CA LYS E 11 17.01 9.59 -14.43
C LYS E 11 18.00 9.75 -15.59
N GLY E 12 18.62 8.65 -16.01
CA GLY E 12 19.68 8.70 -17.01
C GLY E 12 19.17 8.54 -18.43
N GLU E 13 20.09 8.37 -19.37
CA GLU E 13 19.72 8.08 -20.74
C GLU E 13 18.78 6.89 -20.77
N ASN E 14 19.07 5.86 -19.95
CA ASN E 14 18.38 4.56 -19.94
C ASN E 14 17.23 4.36 -18.95
N GLY E 15 16.79 5.44 -18.30
CA GLY E 15 15.94 5.35 -17.14
C GLY E 15 16.91 5.45 -15.98
N TYR E 16 16.47 5.01 -14.81
CA TYR E 16 17.35 4.97 -13.66
C TYR E 16 18.19 3.75 -13.81
N GLY E 17 17.92 2.98 -14.84
CA GLY E 17 18.79 1.87 -15.14
C GLY E 17 18.71 0.84 -14.07
N PHE E 18 17.54 0.28 -13.87
CA PHE E 18 17.41 -0.93 -13.07
C PHE E 18 16.07 -1.55 -13.28
N HIS E 19 15.77 -2.59 -12.53
CA HIS E 19 14.49 -3.26 -12.70
C HIS E 19 13.87 -3.50 -11.37
N LEU E 20 12.58 -3.19 -11.27
CA LEU E 20 11.78 -3.55 -10.12
C LEU E 20 11.28 -4.91 -10.32
N ASN E 21 11.11 -5.62 -9.26
CA ASN E 21 10.72 -6.94 -9.49
C ASN E 21 9.91 -7.28 -8.28
N ALA E 22 8.81 -7.98 -8.47
CA ALA E 22 8.02 -8.44 -7.35
C ALA E 22 7.77 -9.89 -7.56
N ILE E 23 7.35 -10.56 -6.52
CA ILE E 23 6.99 -11.95 -6.68
C ILE E 23 5.50 -12.18 -6.51
N ARG E 24 5.01 -13.29 -7.08
CA ARG E 24 3.60 -13.39 -7.35
C ARG E 24 2.99 -13.92 -6.08
N GLY E 25 2.34 -13.03 -5.34
CA GLY E 25 1.64 -13.42 -4.13
C GLY E 25 2.38 -13.20 -2.82
N LEU E 26 3.67 -12.86 -2.90
CA LEU E 26 4.43 -12.15 -1.87
C LEU E 26 4.29 -10.63 -1.91
N PRO E 27 4.21 -10.02 -0.72
CA PRO E 27 4.22 -8.57 -0.65
C PRO E 27 5.66 -8.18 -0.82
N GLY E 28 5.90 -6.89 -0.94
CA GLY E 28 7.24 -6.38 -1.15
C GLY E 28 7.65 -6.32 -2.62
N SER E 29 8.54 -5.37 -2.90
CA SER E 29 9.00 -5.13 -4.23
C SER E 29 10.49 -4.95 -4.10
N PHE E 30 11.28 -5.52 -5.02
CA PHE E 30 12.73 -5.46 -4.90
C PHE E 30 13.52 -5.24 -6.17
N ILE E 31 14.71 -4.70 -6.02
CA ILE E 31 15.57 -4.43 -7.16
C ILE E 31 16.14 -5.72 -7.75
N LYS E 32 16.05 -5.84 -9.06
CA LYS E 32 16.58 -7.03 -9.69
C LYS E 32 17.87 -6.87 -10.49
N GLU E 33 17.80 -6.09 -11.55
CA GLU E 33 18.94 -5.93 -12.43
C GLU E 33 19.46 -4.50 -12.39
N VAL E 34 20.67 -4.30 -11.87
CA VAL E 34 21.25 -2.95 -11.80
C VAL E 34 22.22 -2.66 -12.93
N GLN E 35 21.96 -1.65 -13.76
CA GLN E 35 22.83 -1.42 -14.89
C GLN E 35 24.15 -0.94 -14.40
N LYS E 36 25.17 -1.66 -14.82
CA LYS E 36 26.54 -1.35 -14.53
C LYS E 36 26.67 0.10 -14.90
N GLY E 37 27.26 0.89 -14.00
CA GLY E 37 27.58 2.26 -14.35
C GLY E 37 26.32 3.07 -14.47
N GLY E 38 25.17 2.40 -14.42
CA GLY E 38 23.91 3.10 -14.47
C GLY E 38 23.67 3.83 -13.18
N PRO E 39 22.65 4.69 -13.15
CA PRO E 39 22.30 5.45 -11.96
C PRO E 39 22.06 4.61 -10.70
N ALA E 40 21.26 3.56 -10.81
CA ALA E 40 21.02 2.77 -9.63
C ALA E 40 22.34 2.30 -9.08
N ASP E 41 23.22 1.89 -9.97
CA ASP E 41 24.47 1.27 -9.54
C ASP E 41 25.41 2.20 -8.80
N LEU E 42 25.54 3.42 -9.29
CA LEU E 42 26.46 4.40 -8.71
C LEU E 42 25.95 4.93 -7.39
N ALA E 43 24.64 4.91 -7.19
CA ALA E 43 24.05 5.31 -5.93
C ALA E 43 24.06 4.13 -4.94
N GLY E 44 24.65 3.02 -5.35
CA GLY E 44 24.99 1.97 -4.41
C GLY E 44 24.12 0.74 -4.45
N LEU E 45 23.03 0.83 -5.17
CA LEU E 45 22.06 -0.25 -5.12
C LEU E 45 22.63 -1.53 -5.60
N GLU E 46 22.05 -2.62 -5.15
CA GLU E 46 22.53 -3.95 -5.50
C GLU E 46 21.34 -4.85 -5.66
N ASP E 47 21.50 -5.93 -6.40
CA ASP E 47 20.36 -6.81 -6.63
C ASP E 47 19.68 -7.23 -5.33
N GLU E 48 18.36 -7.33 -5.39
CA GLU E 48 17.61 -7.87 -4.28
C GLU E 48 17.53 -6.98 -3.06
N ASP E 49 18.14 -5.80 -3.13
CA ASP E 49 17.85 -4.79 -2.14
C ASP E 49 16.33 -4.63 -2.08
N VAL E 50 15.75 -4.68 -0.90
CA VAL E 50 14.29 -4.59 -0.75
C VAL E 50 13.89 -3.17 -0.57
N ILE E 51 12.82 -2.74 -1.25
CA ILE E 51 12.38 -1.34 -1.22
C ILE E 51 11.40 -0.99 -0.12
N ILE E 52 11.70 0.10 0.59
CA ILE E 52 10.94 0.55 1.76
C ILE E 52 10.29 1.88 1.44
N GLU E 53 11.07 2.89 1.10
CA GLU E 53 10.44 4.18 0.85
C GLU E 53 10.73 4.76 -0.50
N VAL E 54 9.68 5.19 -1.17
CA VAL E 54 9.83 5.93 -2.41
C VAL E 54 9.44 7.37 -2.20
N ASN E 55 10.41 8.26 -2.39
CA ASN E 55 10.20 9.67 -2.09
C ASN E 55 9.62 9.80 -0.67
N GLY E 56 10.22 9.13 0.28
CA GLY E 56 9.78 9.30 1.65
C GLY E 56 8.46 8.65 2.00
N VAL E 57 7.94 7.82 1.10
CA VAL E 57 6.73 7.07 1.41
C VAL E 57 6.92 5.55 1.56
N ASN E 58 6.13 4.95 2.44
CA ASN E 58 6.34 3.58 2.78
C ASN E 58 5.50 2.69 1.91
N VAL E 59 6.13 2.01 0.97
CA VAL E 59 5.47 1.13 0.01
C VAL E 59 5.44 -0.36 0.36
N LEU E 60 5.85 -0.70 1.57
CA LEU E 60 5.91 -2.10 1.97
C LEU E 60 4.58 -2.81 1.76
N ASP E 61 3.51 -2.15 2.18
CA ASP E 61 2.14 -2.67 2.09
C ASP E 61 1.42 -2.34 0.78
N GLU E 62 2.14 -1.83 -0.23
CA GLU E 62 1.50 -1.42 -1.47
C GLU E 62 1.84 -2.37 -2.62
N PRO E 63 0.92 -2.50 -3.57
CA PRO E 63 0.97 -3.39 -4.72
C PRO E 63 2.14 -3.06 -5.59
N TYR E 64 2.82 -4.07 -6.10
CA TYR E 64 3.95 -3.84 -6.97
C TYR E 64 3.57 -2.79 -8.01
N GLU E 65 2.36 -2.87 -8.52
CA GLU E 65 1.94 -1.93 -9.55
C GLU E 65 1.97 -0.50 -9.03
N LYS E 66 1.37 -0.31 -7.86
CA LYS E 66 1.22 1.02 -7.33
C LYS E 66 2.60 1.57 -7.16
N VAL E 67 3.55 0.72 -6.74
CA VAL E 67 4.92 1.15 -6.42
C VAL E 67 5.66 1.58 -7.68
N VAL E 68 5.65 0.72 -8.68
CA VAL E 68 6.28 1.03 -9.95
C VAL E 68 5.75 2.39 -10.37
N ASP E 69 4.45 2.49 -10.39
CA ASP E 69 3.87 3.75 -10.78
C ASP E 69 4.46 4.90 -9.96
N ARG E 70 4.48 4.75 -8.63
CA ARG E 70 4.99 5.81 -7.76
C ARG E 70 6.35 6.27 -8.22
N ILE E 71 7.16 5.30 -8.62
CA ILE E 71 8.52 5.58 -9.03
C ILE E 71 8.61 6.35 -10.32
N GLN E 72 7.76 6.01 -11.29
CA GLN E 72 7.81 6.74 -12.58
C GLN E 72 7.29 8.14 -12.42
N SER E 73 6.24 8.25 -11.61
CA SER E 73 5.59 9.50 -11.37
C SER E 73 6.57 10.58 -10.94
N SER E 74 7.66 10.24 -10.27
CA SER E 74 8.67 11.27 -9.95
C SER E 74 9.54 11.50 -11.16
N GLY E 75 9.68 12.75 -11.57
CA GLY E 75 10.14 12.95 -12.92
C GLY E 75 11.60 12.79 -13.26
N LYS E 76 12.40 13.75 -12.81
CA LYS E 76 13.77 13.73 -13.21
C LYS E 76 14.44 12.83 -12.22
N ASN E 77 13.89 12.84 -11.03
CA ASN E 77 14.52 12.12 -9.94
C ASN E 77 13.54 11.27 -9.19
N VAL E 78 14.08 10.33 -8.43
CA VAL E 78 13.27 9.64 -7.45
C VAL E 78 14.22 9.22 -6.35
N THR E 79 13.79 9.27 -5.09
CA THR E 79 14.70 8.94 -3.99
C THR E 79 14.26 7.74 -3.22
N LEU E 80 15.14 6.76 -3.10
CA LEU E 80 14.73 5.50 -2.53
C LEU E 80 15.43 5.15 -1.25
N LEU E 81 14.68 4.54 -0.36
CA LEU E 81 15.22 3.93 0.81
C LEU E 81 15.06 2.44 0.65
N VAL E 82 16.16 1.70 0.68
CA VAL E 82 16.10 0.24 0.57
C VAL E 82 16.88 -0.44 1.69
N CYS E 83 16.86 -1.77 1.75
CA CYS E 83 17.58 -2.56 2.76
C CYS E 83 18.30 -3.76 2.15
N GLY E 84 19.63 -3.83 2.25
CA GLY E 84 20.35 -4.95 1.67
C GLY E 84 21.66 -5.33 2.36
N ILE F 9 -7.67 -11.32 -11.11
CA ILE F 9 -8.84 -11.95 -11.73
C ILE F 9 -9.89 -10.96 -12.23
N PRO F 10 -10.43 -11.20 -13.43
CA PRO F 10 -11.63 -10.54 -13.97
C PRO F 10 -12.90 -10.62 -13.10
N PRO F 11 -13.76 -9.60 -13.26
CA PRO F 11 -15.05 -9.08 -12.77
C PRO F 11 -16.29 -9.43 -13.61
N GLY F 12 -16.97 -10.55 -13.39
CA GLY F 12 -18.16 -10.95 -14.14
C GLY F 12 -17.91 -12.11 -15.09
N LEU F 13 -16.71 -12.67 -15.01
CA LEU F 13 -16.28 -13.79 -15.83
C LEU F 13 -16.87 -15.11 -15.38
N THR F 14 -16.82 -15.35 -14.06
CA THR F 14 -17.31 -16.59 -13.46
C THR F 14 -18.77 -16.84 -13.81
N GLU F 15 -19.55 -15.78 -13.85
CA GLU F 15 -20.96 -15.87 -14.22
C GLU F 15 -21.09 -16.33 -15.68
N LEU F 16 -20.24 -15.81 -16.56
CA LEU F 16 -20.26 -16.17 -17.98
C LEU F 16 -19.94 -17.64 -18.20
N LEU F 17 -18.75 -18.03 -17.73
CA LEU F 17 -18.34 -19.43 -17.84
C LEU F 17 -19.35 -20.34 -17.20
N GLN F 18 -19.90 -19.93 -16.08
CA GLN F 18 -20.91 -20.70 -15.41
C GLN F 18 -22.13 -20.93 -16.33
N GLY F 19 -22.70 -19.85 -16.87
CA GLY F 19 -23.85 -19.99 -17.75
C GLY F 19 -23.54 -20.99 -18.84
N TYR F 20 -22.42 -20.75 -19.52
CA TYR F 20 -22.05 -21.64 -20.61
C TYR F 20 -21.94 -23.08 -20.14
N THR F 21 -21.24 -23.30 -19.05
CA THR F 21 -20.90 -24.64 -18.62
C THR F 21 -22.16 -25.39 -18.24
N VAL F 22 -23.02 -24.75 -17.47
CA VAL F 22 -24.25 -25.36 -17.06
C VAL F 22 -25.07 -25.67 -18.31
N GLU F 23 -24.92 -24.88 -19.36
CA GLU F 23 -25.54 -25.23 -20.62
C GLU F 23 -24.90 -26.44 -21.31
N VAL F 24 -23.61 -26.66 -21.08
CA VAL F 24 -22.96 -27.87 -21.60
C VAL F 24 -23.42 -29.12 -20.89
N LEU F 25 -23.68 -29.01 -19.60
CA LEU F 25 -24.08 -30.18 -18.81
C LEU F 25 -25.50 -30.63 -19.13
N ARG F 26 -26.34 -29.68 -19.54
CA ARG F 26 -27.72 -29.96 -19.93
C ARG F 26 -27.84 -30.44 -21.38
N GLN F 27 -26.74 -30.48 -22.12
CA GLN F 27 -26.78 -30.85 -23.53
C GLN F 27 -25.74 -31.90 -23.89
N GLN F 28 -24.48 -31.53 -23.69
CA GLN F 28 -23.35 -32.38 -24.06
C GLN F 28 -23.32 -32.67 -25.54
N PRO F 29 -23.29 -31.61 -26.37
CA PRO F 29 -23.17 -31.85 -27.80
C PRO F 29 -21.83 -32.50 -28.12
N PRO F 30 -21.82 -33.47 -29.04
CA PRO F 30 -20.57 -34.12 -29.44
C PRO F 30 -19.60 -33.07 -29.98
N ASP F 31 -20.11 -31.87 -30.22
CA ASP F 31 -19.32 -30.75 -30.70
C ASP F 31 -19.40 -29.57 -29.75
N LEU F 32 -18.24 -29.00 -29.42
CA LEU F 32 -18.13 -27.98 -28.39
C LEU F 32 -17.82 -26.59 -28.95
N VAL F 33 -16.69 -26.47 -29.66
CA VAL F 33 -16.28 -25.18 -30.20
C VAL F 33 -17.36 -24.58 -31.07
N ASP F 34 -17.94 -25.37 -31.96
CA ASP F 34 -19.08 -24.87 -32.72
C ASP F 34 -20.09 -24.38 -31.69
N PHE F 35 -20.35 -25.21 -30.69
CA PHE F 35 -21.37 -24.90 -29.69
C PHE F 35 -21.05 -23.63 -28.93
N ALA F 36 -19.78 -23.45 -28.59
CA ALA F 36 -19.39 -22.28 -27.84
C ALA F 36 -19.62 -21.06 -28.70
N VAL F 37 -19.07 -21.10 -29.91
CA VAL F 37 -19.21 -20.01 -30.84
C VAL F 37 -20.66 -19.61 -30.92
N GLU F 38 -21.47 -20.56 -31.32
CA GLU F 38 -22.89 -20.37 -31.52
C GLU F 38 -23.55 -19.81 -30.27
N TYR F 39 -23.14 -20.32 -29.12
CA TYR F 39 -23.76 -19.96 -27.85
C TYR F 39 -23.50 -18.53 -27.43
N PHE F 40 -22.28 -18.07 -27.66
CA PHE F 40 -21.90 -16.69 -27.38
C PHE F 40 -22.43 -15.74 -28.44
N THR F 41 -22.59 -16.24 -29.65
CA THR F 41 -23.21 -15.44 -30.68
C THR F 41 -24.64 -15.20 -30.26
N ARG F 42 -25.32 -16.27 -29.86
CA ARG F 42 -26.66 -16.16 -29.30
C ARG F 42 -26.63 -15.14 -28.16
N LEU F 43 -25.58 -15.17 -27.35
CA LEU F 43 -25.42 -14.19 -26.28
C LEU F 43 -25.40 -12.73 -26.74
N ARG F 44 -24.34 -12.34 -27.44
CA ARG F 44 -24.18 -10.95 -27.84
C ARG F 44 -25.44 -10.49 -28.52
N GLU F 45 -25.88 -11.24 -29.52
CA GLU F 45 -27.07 -10.83 -30.26
C GLU F 45 -28.24 -10.63 -29.29
N ALA F 46 -28.28 -11.43 -28.22
CA ALA F 46 -29.25 -11.15 -27.18
C ALA F 46 -29.04 -9.75 -26.59
N ARG F 47 -27.86 -9.51 -26.05
CA ARG F 47 -27.52 -8.26 -25.40
C ARG F 47 -27.88 -7.05 -26.26
N PRO G 11 -15.80 -34.75 -20.82
CA PRO G 11 -14.38 -34.82 -21.14
C PRO G 11 -13.91 -33.66 -22.02
N GLY G 12 -13.01 -32.85 -21.49
CA GLY G 12 -12.29 -31.86 -22.28
C GLY G 12 -12.73 -30.40 -22.15
N LEU G 13 -13.69 -30.18 -21.26
CA LEU G 13 -14.25 -28.86 -20.97
C LEU G 13 -13.29 -27.85 -20.31
N THR G 14 -12.61 -28.36 -19.29
CA THR G 14 -11.66 -27.58 -18.51
C THR G 14 -10.59 -27.01 -19.39
N GLU G 15 -10.15 -27.80 -20.34
CA GLU G 15 -9.12 -27.38 -21.25
C GLU G 15 -9.62 -26.22 -22.10
N LEU G 16 -10.86 -26.31 -22.56
CA LEU G 16 -11.43 -25.22 -23.34
C LEU G 16 -11.61 -23.90 -22.62
N LEU G 17 -12.16 -23.98 -21.44
CA LEU G 17 -12.37 -22.78 -20.64
C LEU G 17 -11.01 -22.23 -20.28
N GLN G 18 -10.08 -23.11 -19.99
CA GLN G 18 -8.76 -22.65 -19.61
C GLN G 18 -8.11 -21.88 -20.75
N GLY G 19 -8.19 -22.39 -21.97
CA GLY G 19 -7.59 -21.70 -23.10
C GLY G 19 -8.18 -20.32 -23.25
N TYR G 20 -9.51 -20.27 -23.18
CA TYR G 20 -10.18 -18.99 -23.30
C TYR G 20 -9.81 -18.04 -22.20
N THR G 21 -9.86 -18.51 -20.97
CA THR G 21 -9.61 -17.69 -19.79
C THR G 21 -8.23 -17.09 -19.81
N VAL G 22 -7.25 -17.93 -20.12
CA VAL G 22 -5.88 -17.49 -20.15
C VAL G 22 -5.76 -16.44 -21.23
N GLU G 23 -6.56 -16.58 -22.28
CA GLU G 23 -6.55 -15.56 -23.30
C GLU G 23 -7.18 -14.25 -22.83
N VAL G 24 -8.19 -14.34 -21.98
CA VAL G 24 -8.77 -13.16 -21.32
C VAL G 24 -7.76 -12.41 -20.47
N LEU G 25 -6.97 -13.14 -19.71
CA LEU G 25 -6.00 -12.52 -18.81
C LEU G 25 -4.88 -11.80 -19.59
N ARG G 26 -4.50 -12.35 -20.74
CA ARG G 26 -3.46 -11.74 -21.56
C ARG G 26 -3.96 -10.50 -22.34
N GLN G 27 -5.26 -10.21 -22.25
CA GLN G 27 -5.87 -9.20 -23.11
C GLN G 27 -6.77 -8.24 -22.34
N GLN G 28 -7.77 -8.81 -21.69
CA GLN G 28 -8.78 -8.05 -20.97
C GLN G 28 -9.46 -7.01 -21.83
N PRO G 29 -10.12 -7.48 -22.88
CA PRO G 29 -10.84 -6.51 -23.69
C PRO G 29 -12.01 -5.96 -22.90
N PRO G 30 -12.34 -4.68 -23.09
CA PRO G 30 -13.46 -4.04 -22.39
C PRO G 30 -14.78 -4.71 -22.82
N ASP G 31 -14.66 -5.68 -23.71
CA ASP G 31 -15.79 -6.40 -24.29
C ASP G 31 -15.46 -7.87 -24.34
N LEU G 32 -16.35 -8.64 -23.71
CA LEU G 32 -16.16 -10.06 -23.52
C LEU G 32 -16.98 -11.02 -24.36
N VAL G 33 -18.27 -10.74 -24.52
CA VAL G 33 -19.10 -11.69 -25.24
C VAL G 33 -18.79 -11.59 -26.70
N ASP G 34 -18.58 -10.38 -27.19
CA ASP G 34 -18.08 -10.24 -28.55
C ASP G 34 -16.79 -11.06 -28.62
N PHE G 35 -15.92 -10.87 -27.64
CA PHE G 35 -14.66 -11.60 -27.59
C PHE G 35 -14.79 -13.09 -27.53
N ALA G 36 -15.70 -13.55 -26.72
CA ALA G 36 -15.94 -14.97 -26.62
C ALA G 36 -16.39 -15.57 -27.94
N VAL G 37 -17.35 -14.88 -28.53
CA VAL G 37 -17.93 -15.29 -29.79
C VAL G 37 -16.90 -15.44 -30.86
N GLU G 38 -16.13 -14.38 -30.97
CA GLU G 38 -15.05 -14.19 -31.94
C GLU G 38 -14.02 -15.28 -31.70
N TYR G 39 -13.65 -15.47 -30.44
CA TYR G 39 -12.62 -16.40 -30.03
C TYR G 39 -12.96 -17.82 -30.41
N PHE G 40 -14.17 -18.24 -30.12
CA PHE G 40 -14.59 -19.59 -30.43
C PHE G 40 -14.83 -19.81 -31.92
N THR G 41 -15.18 -18.72 -32.60
CA THR G 41 -15.32 -18.76 -34.05
C THR G 41 -13.96 -19.02 -34.64
N ARG G 42 -12.99 -18.31 -34.08
CA ARG G 42 -11.59 -18.48 -34.41
C ARG G 42 -11.25 -19.95 -34.17
N LEU G 43 -11.74 -20.50 -33.06
CA LEU G 43 -11.50 -21.91 -32.74
C LEU G 43 -12.04 -22.85 -33.80
N LYS H 23 -19.73 -26.16 -11.45
CA LYS H 23 -18.90 -25.25 -10.65
C LYS H 23 -17.54 -25.85 -10.36
N MET H 24 -17.51 -27.08 -9.88
CA MET H 24 -16.26 -27.75 -9.51
C MET H 24 -15.33 -27.48 -10.66
N ILE H 25 -15.75 -27.94 -11.82
CA ILE H 25 -15.06 -27.70 -13.07
C ILE H 25 -14.58 -26.26 -13.23
N VAL H 26 -15.51 -25.32 -13.29
CA VAL H 26 -15.12 -23.91 -13.51
C VAL H 26 -14.03 -23.41 -12.57
N SER H 27 -14.28 -23.43 -11.26
CA SER H 27 -13.26 -23.03 -10.30
C SER H 27 -11.91 -23.73 -10.49
N ASP H 28 -11.90 -25.06 -10.61
CA ASP H 28 -10.63 -25.76 -10.85
C ASP H 28 -9.93 -25.24 -12.12
N VAL H 29 -10.70 -24.99 -13.16
CA VAL H 29 -10.23 -24.27 -14.35
C VAL H 29 -9.47 -23.04 -13.92
N MET H 30 -10.17 -22.11 -13.27
CA MET H 30 -9.56 -20.86 -12.81
C MET H 30 -8.18 -21.07 -12.16
N GLN H 31 -8.10 -21.77 -11.02
CA GLN H 31 -6.77 -21.93 -10.42
C GLN H 31 -5.75 -22.54 -11.40
N GLN H 32 -6.21 -23.40 -12.30
CA GLN H 32 -5.30 -23.95 -13.30
C GLN H 32 -4.74 -22.84 -14.16
N ALA H 33 -5.55 -21.83 -14.41
CA ALA H 33 -5.15 -20.74 -15.28
C ALA H 33 -4.16 -19.81 -14.58
N GLN H 34 -4.52 -19.36 -13.38
CA GLN H 34 -3.65 -18.39 -12.70
C GLN H 34 -2.23 -18.96 -12.55
N TYR H 35 -2.16 -20.26 -12.28
CA TYR H 35 -0.91 -20.93 -11.95
C TYR H 35 -0.14 -21.17 -13.24
N ASP H 36 -0.74 -20.72 -14.34
CA ASP H 36 -0.14 -20.85 -15.66
C ASP H 36 0.77 -19.67 -15.91
N GLN H 37 1.15 -19.02 -14.81
CA GLN H 37 2.08 -17.91 -14.85
C GLN H 37 1.31 -16.64 -15.20
N PRO H 38 2.00 -15.47 -15.11
CA PRO H 38 3.45 -15.35 -14.88
C PRO H 38 3.81 -15.58 -13.43
N LEU H 39 5.06 -15.94 -13.18
CA LEU H 39 5.49 -16.19 -11.81
C LEU H 39 6.25 -15.03 -11.10
N GLU H 40 6.51 -13.93 -11.81
CA GLU H 40 7.24 -12.81 -11.24
C GLU H 40 6.95 -11.57 -12.04
N LYS H 41 7.33 -10.41 -11.52
CA LYS H 41 7.11 -9.21 -12.28
C LYS H 41 8.32 -8.30 -12.29
N SER H 42 8.88 -8.07 -13.47
CA SER H 42 9.96 -7.10 -13.57
C SER H 42 9.53 -5.99 -14.53
N THR H 43 9.80 -4.72 -14.19
CA THR H 43 9.61 -3.61 -15.13
C THR H 43 10.90 -2.77 -15.24
N LYS H 44 11.46 -2.64 -16.46
CA LYS H 44 12.70 -1.88 -16.63
C LYS H 44 12.40 -0.50 -16.15
N LEU H 45 13.27 0.07 -15.34
CA LEU H 45 13.05 1.43 -14.90
C LEU H 45 14.28 2.23 -15.20
N LYS I 3 -28.56 -6.96 15.61
CA LYS I 3 -28.96 -8.33 15.34
C LYS I 3 -28.47 -8.82 13.97
N PRO I 4 -27.92 -10.03 13.93
CA PRO I 4 -27.44 -10.75 12.75
C PRO I 4 -28.51 -11.61 12.11
N LYS I 5 -28.43 -11.77 10.80
CA LYS I 5 -29.41 -12.54 10.09
C LYS I 5 -28.61 -13.40 9.15
N LEU I 6 -28.83 -14.71 9.24
CA LEU I 6 -28.35 -15.58 8.19
C LEU I 6 -29.55 -16.02 7.42
N CYS I 7 -29.52 -15.74 6.13
CA CYS I 7 -30.62 -16.06 5.27
C CYS I 7 -30.14 -16.35 3.88
N ARG I 8 -30.73 -17.37 3.28
CA ARG I 8 -30.39 -17.77 1.94
C ARG I 8 -31.43 -17.20 0.96
N LEU I 9 -30.96 -16.73 -0.20
CA LEU I 9 -31.86 -16.14 -1.16
C LEU I 9 -31.77 -16.96 -2.47
N ALA I 10 -32.93 -17.15 -3.12
CA ALA I 10 -33.05 -17.86 -4.42
C ALA I 10 -33.50 -16.89 -5.54
N LYS I 11 -32.60 -16.66 -6.52
CA LYS I 11 -32.79 -15.59 -7.51
C LYS I 11 -34.12 -15.73 -8.23
N GLY I 12 -34.85 -14.61 -8.19
CA GLY I 12 -36.22 -14.46 -8.66
C GLY I 12 -36.29 -13.98 -10.09
N GLU I 13 -37.50 -13.72 -10.57
CA GLU I 13 -37.66 -13.16 -11.92
C GLU I 13 -36.74 -11.94 -12.13
N ASN I 14 -36.53 -11.13 -11.09
CA ASN I 14 -35.64 -9.98 -11.21
C ASN I 14 -34.55 -10.01 -10.19
N GLY I 15 -33.70 -11.01 -10.33
CA GLY I 15 -32.52 -11.02 -9.51
C GLY I 15 -33.01 -11.47 -8.16
N TYR I 16 -32.22 -11.12 -7.16
CA TYR I 16 -32.56 -11.47 -5.80
C TYR I 16 -33.45 -10.30 -5.39
N GLY I 17 -33.53 -9.28 -6.24
CA GLY I 17 -34.42 -8.15 -5.94
C GLY I 17 -33.85 -7.31 -4.84
N PHE I 18 -32.65 -6.79 -5.02
CA PHE I 18 -32.09 -5.84 -4.07
C PHE I 18 -30.89 -5.18 -4.66
N HIS I 19 -30.38 -4.17 -3.97
CA HIS I 19 -29.15 -3.59 -4.45
C HIS I 19 -28.04 -3.67 -3.42
N LEU I 20 -26.82 -3.75 -3.94
CA LEU I 20 -25.57 -3.67 -3.19
C LEU I 20 -25.14 -2.28 -3.24
N ASN I 21 -24.72 -1.76 -2.10
CA ASN I 21 -24.24 -0.49 -2.37
C ASN I 21 -22.96 -0.43 -1.51
N ALA I 22 -22.00 0.41 -1.92
CA ALA I 22 -20.84 0.66 -1.11
C ALA I 22 -20.66 2.13 -1.04
N ILE I 23 -19.79 2.57 -0.18
CA ILE I 23 -19.36 3.93 -0.20
C ILE I 23 -17.90 4.23 -0.42
N ARG I 24 -17.64 5.39 -1.02
CA ARG I 24 -16.55 5.70 -1.92
C ARG I 24 -15.31 5.87 -1.03
N GLY I 25 -14.75 4.77 -0.57
CA GLY I 25 -13.51 4.71 0.21
C GLY I 25 -13.61 4.40 1.68
N LEU I 26 -14.81 4.29 2.27
CA LEU I 26 -15.25 3.23 3.20
C LEU I 26 -15.18 1.75 2.80
N PRO I 27 -14.67 0.91 3.70
CA PRO I 27 -14.67 -0.53 3.48
C PRO I 27 -16.10 -0.90 3.84
N GLY I 28 -16.48 -2.08 3.44
CA GLY I 28 -17.76 -2.68 3.73
C GLY I 28 -18.69 -2.44 2.59
N SER I 29 -19.68 -3.34 2.51
CA SER I 29 -20.69 -3.33 1.45
C SER I 29 -22.04 -3.55 2.14
N PHE I 30 -23.05 -2.80 1.76
CA PHE I 30 -24.38 -2.91 2.39
C PHE I 30 -25.60 -2.96 1.53
N ILE I 31 -26.69 -3.47 2.08
CA ILE I 31 -27.92 -3.61 1.31
C ILE I 31 -28.61 -2.27 1.28
N LYS I 32 -29.18 -1.86 0.17
CA LYS I 32 -29.91 -0.63 0.31
C LYS I 32 -31.33 -0.81 -0.19
N GLU I 33 -31.55 -1.17 -1.44
CA GLU I 33 -32.92 -1.19 -1.97
C GLU I 33 -33.49 -2.59 -2.05
N VAL I 34 -34.44 -2.88 -1.17
CA VAL I 34 -35.01 -4.23 -1.04
C VAL I 34 -36.35 -4.28 -1.74
N GLN I 35 -36.50 -5.09 -2.80
CA GLN I 35 -37.77 -5.10 -3.52
C GLN I 35 -38.85 -5.73 -2.65
N LYS I 36 -39.89 -4.92 -2.38
CA LYS I 36 -41.02 -5.36 -1.59
C LYS I 36 -41.55 -6.61 -2.24
N GLY I 37 -41.62 -7.67 -1.46
CA GLY I 37 -42.11 -8.95 -1.92
C GLY I 37 -41.04 -9.68 -2.70
N GLY I 38 -39.89 -9.03 -2.89
CA GLY I 38 -38.85 -9.70 -3.63
C GLY I 38 -38.17 -10.67 -2.70
N PRO I 39 -37.26 -11.48 -3.25
CA PRO I 39 -36.53 -12.48 -2.45
C PRO I 39 -35.78 -11.90 -1.23
N ALA I 40 -34.99 -10.86 -1.45
CA ALA I 40 -34.28 -10.31 -0.33
C ALA I 40 -35.24 -9.92 0.79
N ASP I 41 -36.35 -9.29 0.43
CA ASP I 41 -37.32 -8.84 1.42
C ASP I 41 -37.92 -9.97 2.27
N LEU I 42 -38.34 -11.05 1.60
CA LEU I 42 -38.99 -12.19 2.25
C LEU I 42 -38.02 -12.92 3.17
N ALA I 43 -36.74 -12.93 2.78
CA ALA I 43 -35.69 -13.56 3.58
C ALA I 43 -35.33 -12.67 4.81
N GLY I 44 -35.98 -11.51 4.91
CA GLY I 44 -35.84 -10.65 6.08
C GLY I 44 -34.92 -9.45 5.99
N LEU I 45 -34.23 -9.30 4.86
CA LEU I 45 -33.28 -8.22 4.72
C LEU I 45 -33.95 -6.88 4.76
N GLU I 46 -33.15 -5.90 5.15
CA GLU I 46 -33.62 -4.56 5.31
C GLU I 46 -32.55 -3.63 4.88
N ASP I 47 -32.96 -2.45 4.48
CA ASP I 47 -31.97 -1.52 4.03
C ASP I 47 -30.82 -1.30 5.02
N GLU I 48 -29.63 -1.19 4.47
CA GLU I 48 -28.52 -0.85 5.32
C GLU I 48 -28.04 -1.96 6.21
N ASP I 49 -28.58 -3.15 6.00
CA ASP I 49 -28.02 -4.32 6.66
C ASP I 49 -26.61 -4.40 6.09
N VAL I 50 -25.61 -4.61 6.95
CA VAL I 50 -24.20 -4.71 6.52
C VAL I 50 -23.84 -6.13 6.27
N ILE I 51 -23.26 -6.37 5.11
CA ILE I 51 -22.86 -7.71 4.74
C ILE I 51 -21.56 -8.25 5.30
N ILE I 52 -21.65 -9.45 5.88
CA ILE I 52 -20.51 -10.11 6.48
C ILE I 52 -20.03 -11.35 5.75
N GLU I 53 -20.96 -12.24 5.42
CA GLU I 53 -20.53 -13.40 4.68
C GLU I 53 -21.39 -13.64 3.47
N VAL I 54 -20.70 -13.97 2.39
CA VAL I 54 -21.34 -14.48 1.20
C VAL I 54 -20.97 -15.93 1.00
N ASN I 55 -21.99 -16.80 1.00
CA ASN I 55 -21.75 -18.22 0.85
C ASN I 55 -20.68 -18.65 1.84
N GLY I 56 -20.81 -18.20 3.10
CA GLY I 56 -19.88 -18.64 4.11
C GLY I 56 -18.56 -17.93 4.15
N VAL I 57 -18.31 -17.02 3.21
CA VAL I 57 -17.06 -16.28 3.19
C VAL I 57 -17.16 -14.85 3.77
N ASN I 58 -16.26 -14.45 4.67
CA ASN I 58 -16.27 -13.03 5.07
C ASN I 58 -15.56 -12.15 4.02
N VAL I 59 -16.39 -11.25 3.50
CA VAL I 59 -16.07 -10.14 2.60
C VAL I 59 -15.90 -8.76 3.23
N LEU I 60 -15.63 -8.71 4.53
CA LEU I 60 -15.54 -7.42 5.16
C LEU I 60 -14.37 -6.67 4.64
N ASP I 61 -13.27 -7.36 4.46
CA ASP I 61 -12.03 -6.78 3.91
C ASP I 61 -11.91 -6.89 2.41
N GLU I 62 -13.01 -7.03 1.70
CA GLU I 62 -12.93 -7.22 0.25
C GLU I 62 -13.61 -6.08 -0.47
N PRO I 63 -13.04 -5.73 -1.64
CA PRO I 63 -13.58 -4.65 -2.46
C PRO I 63 -15.01 -4.86 -2.81
N TYR I 64 -15.76 -3.76 -2.91
CA TYR I 64 -17.16 -3.83 -3.26
C TYR I 64 -17.32 -4.64 -4.55
N GLU I 65 -16.39 -4.46 -5.48
CA GLU I 65 -16.44 -5.13 -6.78
C GLU I 65 -16.32 -6.60 -6.60
N LYS I 66 -15.26 -6.99 -5.90
CA LYS I 66 -15.01 -8.39 -5.57
C LYS I 66 -16.28 -9.00 -4.98
N VAL I 67 -16.93 -8.30 -4.06
CA VAL I 67 -18.13 -8.83 -3.39
C VAL I 67 -19.37 -9.00 -4.26
N VAL I 68 -19.64 -7.99 -5.08
CA VAL I 68 -20.72 -8.06 -6.02
C VAL I 68 -20.50 -9.27 -6.91
N ASP I 69 -19.27 -9.39 -7.42
CA ASP I 69 -18.94 -10.52 -8.24
C ASP I 69 -19.17 -11.87 -7.51
N ARG I 70 -18.65 -12.05 -6.31
CA ARG I 70 -18.91 -13.31 -5.58
C ARG I 70 -20.41 -13.62 -5.44
N ILE I 71 -21.21 -12.58 -5.22
CA ILE I 71 -22.67 -12.72 -5.22
C ILE I 71 -23.30 -13.23 -6.48
N GLN I 72 -22.81 -12.76 -7.62
CA GLN I 72 -23.41 -13.17 -8.88
C GLN I 72 -22.92 -14.55 -9.27
N SER I 73 -21.66 -14.78 -8.95
CA SER I 73 -21.06 -16.05 -9.23
C SER I 73 -21.77 -17.25 -8.63
N SER I 74 -22.58 -17.08 -7.58
CA SER I 74 -23.43 -18.19 -7.12
C SER I 74 -24.70 -18.14 -7.95
N GLY I 75 -25.11 -19.30 -8.42
CA GLY I 75 -26.05 -19.35 -9.52
C GLY I 75 -27.48 -19.04 -9.18
N LYS I 76 -28.20 -20.13 -8.90
CA LYS I 76 -29.60 -20.01 -8.61
C LYS I 76 -29.78 -19.36 -7.26
N ASN I 77 -28.80 -19.61 -6.40
CA ASN I 77 -28.82 -19.17 -5.02
C ASN I 77 -27.61 -18.47 -4.50
N VAL I 78 -27.81 -17.66 -3.48
CA VAL I 78 -26.68 -17.13 -2.74
C VAL I 78 -27.10 -17.03 -1.27
N THR I 79 -26.24 -17.39 -0.34
CA THR I 79 -26.58 -17.32 1.07
C THR I 79 -25.83 -16.22 1.76
N LEU I 80 -26.56 -15.36 2.45
CA LEU I 80 -25.92 -14.20 3.08
C LEU I 80 -26.06 -14.09 4.58
N LEU I 81 -24.92 -13.79 5.21
CA LEU I 81 -24.87 -13.34 6.58
C LEU I 81 -24.71 -11.82 6.68
N VAL I 82 -25.72 -11.16 7.26
CA VAL I 82 -25.65 -9.71 7.42
C VAL I 82 -25.92 -9.33 8.88
N CYS I 83 -25.75 -8.04 9.20
CA CYS I 83 -26.01 -7.46 10.51
C CYS I 83 -26.84 -6.17 10.45
N GLY I 84 -27.97 -6.12 11.17
CA GLY I 84 -28.79 -4.91 11.18
C GLY I 84 -29.77 -4.71 12.34
N TRP J 19 8.43 22.32 -13.36
CA TRP J 19 8.60 21.09 -12.57
C TRP J 19 7.77 20.96 -11.30
N LYS J 20 8.35 21.38 -10.17
CA LYS J 20 7.72 21.21 -8.87
C LYS J 20 6.28 21.64 -9.02
N ILE J 21 6.14 22.83 -9.58
CA ILE J 21 4.87 23.35 -10.03
C ILE J 21 4.12 22.32 -10.88
N ALA J 22 4.72 21.89 -11.98
CA ALA J 22 4.06 20.99 -12.91
C ALA J 22 3.36 19.88 -12.17
N LYS J 23 4.10 19.26 -11.28
CA LYS J 23 3.53 18.24 -10.42
C LYS J 23 2.35 18.78 -9.60
N MET J 24 2.56 19.90 -8.92
CA MET J 24 1.50 20.49 -8.10
C MET J 24 0.23 20.39 -8.90
N ILE J 25 0.25 21.05 -10.05
CA ILE J 25 -0.84 21.00 -11.01
C ILE J 25 -1.40 19.60 -11.22
N VAL J 26 -0.60 18.70 -11.77
CA VAL J 26 -1.11 17.36 -12.02
C VAL J 26 -1.83 16.71 -10.82
N SER J 27 -1.14 16.52 -9.70
CA SER J 27 -1.80 15.94 -8.53
C SER J 27 -3.13 16.63 -8.16
N ASP J 28 -3.12 17.96 -8.11
CA ASP J 28 -4.35 18.70 -7.77
C ASP J 28 -5.47 18.40 -8.77
N VAL J 29 -5.12 18.37 -10.04
CA VAL J 29 -6.00 17.83 -11.04
C VAL J 29 -6.61 16.52 -10.53
N MET J 30 -5.76 15.53 -10.31
CA MET J 30 -6.20 14.21 -9.89
C MET J 30 -7.29 14.26 -8.81
N GLN J 31 -6.95 14.77 -7.63
CA GLN J 31 -7.98 14.80 -6.58
C GLN J 31 -9.26 15.53 -7.06
N GLN J 32 -9.08 16.57 -7.88
CA GLN J 32 -10.23 17.26 -8.42
C GLN J 32 -11.10 16.32 -9.22
N ALA J 33 -10.48 15.35 -9.88
CA ALA J 33 -11.21 14.40 -10.70
C ALA J 33 -11.94 13.35 -9.85
N GLN J 34 -11.23 12.73 -8.93
CA GLN J 34 -11.87 11.64 -8.17
C GLN J 34 -13.12 12.16 -7.45
N TYR J 35 -13.04 13.40 -6.98
CA TYR J 35 -14.09 13.98 -6.15
C TYR J 35 -15.23 14.43 -7.03
N ASP J 36 -15.07 14.19 -8.32
CA ASP J 36 -16.06 14.54 -9.31
C ASP J 36 -17.06 13.41 -9.40
N GLN J 37 -17.06 12.58 -8.35
CA GLN J 37 -18.00 11.47 -8.24
C GLN J 37 -17.49 10.29 -9.01
N PRO J 38 -18.16 9.13 -8.86
CA PRO J 38 -19.44 8.96 -8.16
C PRO J 38 -19.27 8.97 -6.66
N LEU J 39 -20.34 9.25 -5.93
CA LEU J 39 -20.27 9.26 -4.48
C LEU J 39 -20.80 8.02 -3.76
N GLU J 40 -21.33 7.05 -4.49
CA GLU J 40 -21.83 5.82 -3.87
C GLU J 40 -21.91 4.72 -4.92
N LYS J 41 -22.22 3.51 -4.53
CA LYS J 41 -22.30 2.47 -5.55
C LYS J 41 -23.48 1.56 -5.30
N SER J 42 -24.45 1.56 -6.20
CA SER J 42 -25.53 0.60 -6.05
C SER J 42 -25.56 -0.31 -7.27
N THR J 43 -25.74 -1.62 -7.03
CA THR J 43 -25.93 -2.59 -8.11
C THR J 43 -27.22 -3.41 -7.89
N LYS J 44 -28.17 -3.31 -8.82
CA LYS J 44 -29.38 -4.13 -8.71
C LYS J 44 -28.98 -5.57 -8.58
N LEU J 45 -29.56 -6.24 -7.59
CA LEU J 45 -29.31 -7.64 -7.43
C LEU J 45 -30.61 -8.41 -7.40
#